data_6AZI
#
_entry.id   6AZI
#
_cell.length_a   49.470
_cell.length_b   64.233
_cell.length_c   79.519
_cell.angle_alpha   90.00
_cell.angle_beta   90.00
_cell.angle_gamma   90.00
#
_symmetry.space_group_name_H-M   'P 21 21 21'
#
loop_
_entity.id
_entity.type
_entity.pdbx_description
1 polymer 'D-alanyl-D-alanine endopeptidase'
2 non-polymer 'BORATE ION'
3 water water
#
_entity_poly.entity_id   1
_entity_poly.type   'polypeptide(L)'
_entity_poly.pdbx_seq_one_letter_code
;SNAKTPAVTTAAAQPQIASGSA(MSE)IVDLNTNKVIYASHPDLVRPIASITKL(MSE)TA(MSE)VVLDAHLPLDEKLK
VDISHTPE(MSE)KGVYSRVRLNSEISRKN(MSE)LLLAL(MSE)SSENRAAASLAHHYPGGYDAFIRA(MSE)NAKAKA
LG(MSE)NNTRFVEPTGLSIHNVSTARDLTKLLIASKQYPLIGQLSTTREE(MSE)ATFANPAYTLPFRNTNHLVYRENW
NIQLTKTGFTNAAGHCLV(MSE)RTVFNGKPVALVV(MSE)DAFGKYTHFADASRLRTWIETGKVQPVPAAALTYKKQKA
EQ(MSE)ATAQND
;
_entity_poly.pdbx_strand_id   A
#
# COMPACT_ATOMS: atom_id res chain seq x y z
N GLN A 14 -17.70 -21.00 -5.48
CA GLN A 14 -16.81 -19.87 -5.92
C GLN A 14 -17.53 -18.52 -5.97
N PRO A 15 -17.34 -17.68 -4.92
CA PRO A 15 -17.99 -16.37 -4.84
C PRO A 15 -17.62 -15.41 -5.96
N GLN A 16 -18.52 -14.46 -6.21
CA GLN A 16 -18.33 -13.44 -7.22
C GLN A 16 -17.93 -12.15 -6.53
N ILE A 17 -17.15 -11.33 -7.23
CA ILE A 17 -16.73 -10.03 -6.72
C ILE A 17 -17.11 -8.93 -7.70
N ALA A 18 -17.32 -7.73 -7.17
CA ALA A 18 -17.65 -6.57 -7.99
C ALA A 18 -16.39 -5.99 -8.62
N SER A 19 -15.27 -6.09 -7.90
CA SER A 19 -13.99 -5.57 -8.38
C SER A 19 -13.48 -6.33 -9.60
N GLY A 20 -12.53 -5.71 -10.31
CA GLY A 20 -11.96 -6.28 -11.52
C GLY A 20 -11.10 -7.51 -11.32
N SER A 21 -10.37 -7.54 -10.21
CA SER A 21 -9.52 -8.70 -9.91
C SER A 21 -9.20 -8.80 -8.42
N ALA A 22 -8.87 -10.02 -7.99
CA ALA A 22 -8.54 -10.25 -6.60
C ALA A 22 -7.82 -11.56 -6.40
N ILE A 24 -6.63 -14.07 -2.79
CA ILE A 24 -6.49 -14.27 -1.36
C ILE A 24 -5.62 -15.51 -1.16
N VAL A 25 -4.61 -15.36 -0.33
CA VAL A 25 -3.69 -16.44 -0.03
C VAL A 25 -3.63 -16.77 1.47
N ASP A 26 -3.55 -18.06 1.76
CA ASP A 26 -3.40 -18.56 3.11
C ASP A 26 -1.94 -18.37 3.46
N LEU A 27 -1.64 -17.51 4.42
CA LEU A 27 -0.23 -17.25 4.79
C LEU A 27 0.51 -18.39 5.54
N ASN A 28 -0.22 -19.38 6.03
CA ASN A 28 0.43 -20.54 6.66
C ASN A 28 1.18 -21.34 5.60
N THR A 29 0.56 -21.47 4.43
CA THR A 29 1.09 -22.30 3.37
C THR A 29 1.37 -21.61 2.04
N ASN A 30 0.95 -20.35 1.91
CA ASN A 30 1.00 -19.60 0.65
C ASN A 30 0.04 -20.19 -0.42
N LYS A 31 -0.94 -20.98 0.02
N LYS A 31 -0.95 -20.99 0.01
CA LYS A 31 -1.94 -21.55 -0.88
CA LYS A 31 -1.91 -21.56 -0.94
C LYS A 31 -2.96 -20.49 -1.31
C LYS A 31 -2.97 -20.53 -1.31
N VAL A 32 -3.35 -20.52 -2.59
CA VAL A 32 -4.36 -19.61 -3.11
C VAL A 32 -5.74 -20.05 -2.64
N ILE A 33 -6.39 -19.22 -1.85
CA ILE A 33 -7.74 -19.48 -1.36
C ILE A 33 -8.77 -19.03 -2.38
N TYR A 34 -8.48 -17.89 -3.00
CA TYR A 34 -9.38 -17.29 -3.98
C TYR A 34 -8.61 -16.47 -5.01
N ALA A 35 -9.07 -16.54 -6.25
CA ALA A 35 -8.48 -15.78 -7.34
C ALA A 35 -9.54 -15.36 -8.36
N SER A 36 -9.46 -14.12 -8.80
CA SER A 36 -10.33 -13.62 -9.87
C SER A 36 -9.44 -12.76 -10.77
N HIS A 37 -9.22 -13.22 -12.01
CA HIS A 37 -8.36 -12.51 -12.98
C HIS A 37 -7.08 -12.02 -12.29
N PRO A 38 -6.34 -12.93 -11.62
CA PRO A 38 -5.16 -12.55 -10.84
C PRO A 38 -3.92 -12.17 -11.64
N ASP A 39 -3.94 -12.38 -12.95
CA ASP A 39 -2.78 -12.05 -13.79
C ASP A 39 -3.04 -10.87 -14.73
N LEU A 40 -4.14 -10.18 -14.50
CA LEU A 40 -4.50 -9.00 -15.27
C LEU A 40 -3.61 -7.86 -14.82
N VAL A 41 -2.80 -7.33 -15.76
CA VAL A 41 -1.88 -6.23 -15.48
C VAL A 41 -2.61 -4.89 -15.48
N ARG A 42 -2.55 -4.16 -14.36
CA ARG A 42 -3.22 -2.88 -14.26
C ARG A 42 -2.44 -1.93 -13.37
N PRO A 43 -2.72 -0.62 -13.45
CA PRO A 43 -2.06 0.31 -12.54
C PRO A 43 -2.49 0.03 -11.11
N ILE A 44 -1.61 0.28 -10.16
CA ILE A 44 -1.91 -0.04 -8.76
C ILE A 44 -1.95 1.13 -7.80
N ALA A 45 -1.80 2.35 -8.32
CA ALA A 45 -1.93 3.53 -7.50
C ALA A 45 -1.07 3.48 -6.24
N SER A 46 -1.63 3.96 -5.11
CA SER A 46 -0.88 4.00 -3.83
C SER A 46 -0.44 2.68 -3.24
N ILE A 47 -0.84 1.55 -3.79
CA ILE A 47 -0.30 0.28 -3.32
C ILE A 47 1.22 0.33 -3.51
N THR A 48 1.63 1.16 -4.47
CA THR A 48 3.04 1.43 -4.75
C THR A 48 3.84 1.76 -3.50
N LYS A 49 3.21 2.51 -2.60
CA LYS A 49 3.87 3.00 -1.37
C LYS A 49 4.36 1.87 -0.45
N LEU A 50 3.79 0.66 -0.58
CA LEU A 50 4.34 -0.47 0.19
C LEU A 50 5.76 -0.77 -0.27
N THR A 52 7.78 1.33 -1.91
CA THR A 52 8.54 2.50 -1.50
C THR A 52 9.03 2.34 -0.05
N ALA A 53 8.14 1.94 0.86
CA ALA A 53 8.53 1.73 2.26
C ALA A 53 9.61 0.63 2.40
N VAL A 55 11.84 -0.32 0.16
CA VAL A 55 13.12 0.13 -0.38
C VAL A 55 13.86 0.99 0.65
N VAL A 56 13.12 1.86 1.34
CA VAL A 56 13.69 2.70 2.39
C VAL A 56 14.27 1.83 3.50
N LEU A 57 13.48 0.89 3.99
CA LEU A 57 13.92 0.02 5.09
C LEU A 57 15.06 -0.90 4.71
N ASP A 58 15.05 -1.42 3.48
CA ASP A 58 16.15 -2.28 3.01
C ASP A 58 17.52 -1.61 3.13
N ALA A 59 17.56 -0.31 2.89
CA ALA A 59 18.83 0.43 2.96
C ALA A 59 19.20 0.83 4.39
N HIS A 60 18.29 0.54 5.33
CA HIS A 60 18.46 0.85 6.76
C HIS A 60 18.89 2.28 6.99
N LEU A 61 18.14 3.19 6.37
CA LEU A 61 18.39 4.61 6.53
C LEU A 61 17.86 5.03 7.91
N PRO A 62 18.56 5.95 8.61
CA PRO A 62 18.09 6.31 9.95
C PRO A 62 16.65 6.80 9.99
N LEU A 63 15.82 6.15 10.81
CA LEU A 63 14.39 6.52 10.94
C LEU A 63 14.12 7.87 11.63
N ASP A 64 15.01 8.28 12.53
N ASP A 64 15.03 8.30 12.52
CA ASP A 64 14.86 9.56 13.24
CA ASP A 64 14.89 9.56 13.24
C ASP A 64 15.40 10.79 12.47
C ASP A 64 15.45 10.78 12.51
N GLU A 65 16.03 10.58 11.32
CA GLU A 65 16.60 11.69 10.55
C GLU A 65 15.51 12.65 10.03
N LYS A 66 15.67 13.95 10.32
CA LYS A 66 14.75 14.99 9.84
C LYS A 66 15.03 15.26 8.35
N LEU A 67 14.02 15.04 7.51
CA LEU A 67 14.16 15.21 6.07
C LEU A 67 13.27 16.30 5.52
N LYS A 68 13.73 16.94 4.45
CA LYS A 68 12.95 17.97 3.79
C LYS A 68 12.01 17.35 2.78
N VAL A 69 10.81 17.92 2.72
CA VAL A 69 9.81 17.51 1.76
C VAL A 69 10.36 18.03 0.45
N ASP A 70 10.40 17.16 -0.56
CA ASP A 70 10.99 17.50 -1.83
C ASP A 70 10.33 16.65 -2.92
N ILE A 71 9.81 17.31 -3.95
CA ILE A 71 9.19 16.62 -5.09
C ILE A 71 9.88 16.97 -6.42
N SER A 72 11.07 17.59 -6.32
CA SER A 72 11.86 18.02 -7.48
C SER A 72 11.95 17.05 -8.65
N HIS A 73 12.19 15.79 -8.31
CA HIS A 73 12.41 14.74 -9.32
C HIS A 73 11.19 13.92 -9.66
N THR A 74 10.02 14.30 -9.16
CA THR A 74 8.79 13.57 -9.42
C THR A 74 7.83 14.43 -10.25
N PRO A 75 7.98 14.40 -11.58
CA PRO A 75 7.09 15.18 -12.46
C PRO A 75 5.61 14.83 -12.26
N GLU A 76 5.32 13.59 -11.85
CA GLU A 76 3.93 13.18 -11.61
C GLU A 76 3.25 13.96 -10.48
N LYS A 78 3.69 17.30 -10.08
CA LYS A 78 3.51 18.70 -10.47
C LYS A 78 2.01 19.02 -10.65
N GLY A 79 1.54 19.99 -9.88
CA GLY A 79 0.13 20.39 -9.90
C GLY A 79 -0.82 19.48 -9.12
N VAL A 80 -0.26 18.62 -8.27
CA VAL A 80 -1.06 17.72 -7.45
C VAL A 80 -1.18 18.35 -6.07
N TYR A 81 -2.41 18.53 -5.59
CA TYR A 81 -2.61 19.15 -4.28
C TYR A 81 -2.08 18.30 -3.10
N SER A 82 -1.50 18.99 -2.12
CA SER A 82 -1.04 18.37 -0.90
C SER A 82 -0.94 19.43 0.18
N ARG A 83 -1.18 19.02 1.43
CA ARG A 83 -1.06 19.91 2.59
C ARG A 83 0.35 19.87 3.14
N VAL A 84 1.15 18.90 2.70
CA VAL A 84 2.53 18.78 3.17
C VAL A 84 3.37 19.78 2.38
N ARG A 85 3.88 20.78 3.07
CA ARG A 85 4.55 21.88 2.41
C ARG A 85 5.96 21.56 2.00
N LEU A 86 6.32 22.01 0.80
CA LEU A 86 7.64 21.78 0.26
C LEU A 86 8.65 22.48 1.15
N ASN A 87 9.80 21.84 1.33
CA ASN A 87 10.91 22.33 2.18
C ASN A 87 10.67 22.30 3.69
N SER A 88 9.47 21.89 4.13
CA SER A 88 9.23 21.70 5.56
C SER A 88 9.88 20.36 5.91
N GLU A 89 10.06 20.10 7.20
CA GLU A 89 10.82 18.95 7.67
C GLU A 89 10.08 18.06 8.65
N ILE A 90 10.31 16.75 8.51
CA ILE A 90 9.73 15.76 9.42
C ILE A 90 10.61 14.51 9.30
N SER A 91 10.56 13.64 10.29
CA SER A 91 11.44 12.45 10.29
C SER A 91 11.10 11.47 9.18
N ARG A 92 12.10 10.68 8.82
CA ARG A 92 11.95 9.62 7.84
C ARG A 92 10.84 8.68 8.26
N LYS A 93 10.81 8.33 9.55
CA LYS A 93 9.79 7.44 10.10
C LYS A 93 8.39 8.04 9.89
N ASN A 94 8.26 9.33 10.18
CA ASN A 94 6.97 10.00 9.98
C ASN A 94 6.55 10.06 8.49
N LEU A 96 7.27 7.75 6.34
CA LEU A 96 6.77 6.39 6.10
C LEU A 96 5.34 6.25 6.63
N LEU A 97 5.11 6.78 7.81
CA LEU A 97 3.79 6.74 8.43
C LEU A 97 2.73 7.44 7.56
N LEU A 98 3.00 8.67 7.14
CA LEU A 98 2.03 9.42 6.34
C LEU A 98 1.78 8.74 5.03
N ALA A 99 2.85 8.23 4.42
CA ALA A 99 2.73 7.48 3.18
C ALA A 99 1.85 6.23 3.32
N LEU A 100 2.05 5.48 4.39
CA LEU A 100 1.35 4.19 4.58
C LEU A 100 -0.04 4.29 5.17
N SER A 102 -1.98 7.14 5.53
CA SER A 102 -2.80 8.12 4.79
C SER A 102 -2.58 8.27 3.30
N SER A 103 -1.63 7.54 2.73
CA SER A 103 -1.34 7.59 1.28
C SER A 103 -0.90 8.98 0.84
N GLU A 104 -0.14 9.67 1.71
CA GLU A 104 0.30 11.01 1.43
C GLU A 104 1.42 10.97 0.38
N ASN A 105 1.14 11.56 -0.77
CA ASN A 105 2.05 11.48 -1.92
C ASN A 105 3.36 12.20 -1.75
N ARG A 106 3.33 13.39 -1.16
CA ARG A 106 4.56 14.13 -0.97
C ARG A 106 5.49 13.40 -0.01
N ALA A 107 4.92 12.76 1.01
CA ALA A 107 5.74 11.98 1.94
C ALA A 107 6.43 10.84 1.20
N ALA A 108 5.68 10.09 0.38
CA ALA A 108 6.28 8.97 -0.38
C ALA A 108 7.35 9.46 -1.36
N ALA A 109 7.05 10.55 -2.07
CA ALA A 109 7.99 11.11 -3.02
C ALA A 109 9.26 11.57 -2.33
N SER A 110 9.10 12.26 -1.21
CA SER A 110 10.24 12.78 -0.48
C SER A 110 11.23 11.69 -0.04
N LEU A 111 10.69 10.51 0.28
CA LEU A 111 11.52 9.40 0.73
C LEU A 111 12.54 9.04 -0.32
N ALA A 112 12.12 9.04 -1.59
CA ALA A 112 13.01 8.73 -2.69
C ALA A 112 14.04 9.83 -2.98
N HIS A 113 13.80 11.04 -2.46
CA HIS A 113 14.75 12.16 -2.63
C HIS A 113 15.83 12.18 -1.56
N HIS A 114 15.81 11.19 -0.66
CA HIS A 114 16.80 11.08 0.40
C HIS A 114 17.26 9.63 0.45
N TYR A 115 17.91 9.19 -0.64
CA TYR A 115 18.31 7.80 -0.80
C TYR A 115 19.70 7.72 -1.40
N PRO A 116 20.56 6.84 -0.87
CA PRO A 116 21.91 6.71 -1.44
C PRO A 116 21.87 6.43 -2.93
N GLY A 117 22.64 7.19 -3.71
CA GLY A 117 22.65 7.01 -5.17
C GLY A 117 21.61 7.86 -5.89
N GLY A 118 20.71 8.50 -5.14
CA GLY A 118 19.73 9.40 -5.72
C GLY A 118 18.40 8.79 -6.08
N TYR A 119 17.56 9.64 -6.64
CA TYR A 119 16.19 9.31 -6.97
C TYR A 119 16.05 8.15 -7.93
N ASP A 120 16.89 8.13 -8.95
CA ASP A 120 16.82 7.06 -9.95
C ASP A 120 17.39 5.74 -9.40
N ALA A 121 18.25 5.83 -8.39
CA ALA A 121 18.74 4.62 -7.69
C ALA A 121 17.58 4.03 -6.89
N PHE A 122 16.69 4.90 -6.42
CA PHE A 122 15.52 4.47 -5.66
C PHE A 122 14.60 3.65 -6.59
N ILE A 123 14.32 4.20 -7.77
CA ILE A 123 13.47 3.53 -8.75
C ILE A 123 14.11 2.19 -9.12
N ARG A 124 15.43 2.17 -9.39
CA ARG A 124 16.12 0.90 -9.69
C ARG A 124 15.89 -0.14 -8.60
N ALA A 125 16.03 0.28 -7.34
CA ALA A 125 15.83 -0.62 -6.20
C ALA A 125 14.39 -1.18 -6.14
N ASN A 127 12.40 -1.70 -8.71
CA ASN A 127 12.26 -2.72 -9.76
C ASN A 127 13.14 -3.94 -9.50
N ALA A 128 14.29 -3.73 -8.87
CA ALA A 128 15.17 -4.85 -8.52
C ALA A 128 14.50 -5.74 -7.49
N LYS A 129 13.80 -5.14 -6.53
N LYS A 129 13.79 -5.14 -6.54
CA LYS A 129 13.10 -5.95 -5.52
CA LYS A 129 13.11 -5.94 -5.51
C LYS A 129 11.98 -6.74 -6.17
C LYS A 129 11.95 -6.71 -6.13
N ALA A 130 11.23 -6.08 -7.06
CA ALA A 130 10.14 -6.76 -7.75
C ALA A 130 10.65 -8.02 -8.42
N LYS A 131 11.76 -7.89 -9.16
CA LYS A 131 12.34 -9.03 -9.86
C LYS A 131 12.74 -10.10 -8.85
N ALA A 132 13.42 -9.69 -7.78
CA ALA A 132 13.86 -10.61 -6.73
C ALA A 132 12.72 -11.33 -6.01
N LEU A 133 11.52 -10.75 -6.04
CA LEU A 133 10.34 -11.37 -5.42
C LEU A 133 9.51 -12.15 -6.43
N GLY A 134 9.98 -12.23 -7.67
CA GLY A 134 9.24 -12.98 -8.71
C GLY A 134 8.02 -12.23 -9.23
N ASN A 136 7.01 -10.72 -11.75
CA ASN A 136 7.39 -10.58 -13.17
C ASN A 136 6.48 -9.73 -14.05
N ASN A 137 5.30 -9.34 -13.54
CA ASN A 137 4.38 -8.51 -14.31
C ASN A 137 4.23 -7.16 -13.63
N THR A 138 5.26 -6.77 -12.88
CA THR A 138 5.23 -5.54 -12.12
C THR A 138 6.33 -4.58 -12.58
N ARG A 139 5.99 -3.30 -12.72
N ARG A 139 5.98 -3.30 -12.70
CA ARG A 139 6.98 -2.28 -13.10
CA ARG A 139 6.94 -2.26 -13.05
C ARG A 139 6.64 -0.97 -12.36
C ARG A 139 6.62 -0.99 -12.27
N PHE A 140 7.67 -0.31 -11.84
CA PHE A 140 7.54 0.95 -11.13
C PHE A 140 8.37 1.99 -11.87
N VAL A 141 7.85 3.20 -11.97
CA VAL A 141 8.61 4.31 -12.58
C VAL A 141 8.82 5.45 -11.58
N GLU A 142 8.05 5.44 -10.49
CA GLU A 142 8.10 6.50 -9.48
C GLU A 142 7.54 5.97 -8.14
N PRO A 143 7.85 6.62 -7.02
CA PRO A 143 7.52 6.07 -5.71
C PRO A 143 6.14 6.32 -5.12
N THR A 144 5.28 7.12 -5.76
CA THR A 144 3.98 7.46 -5.18
C THR A 144 2.83 6.57 -5.63
N GLY A 145 2.83 6.19 -6.90
CA GLY A 145 1.70 5.44 -7.47
C GLY A 145 0.80 6.32 -8.32
N LEU A 146 1.11 7.61 -8.39
CA LEU A 146 0.36 8.53 -9.24
C LEU A 146 0.49 8.19 -10.73
N SER A 147 1.60 7.56 -11.11
CA SER A 147 1.83 7.22 -12.51
C SER A 147 1.04 6.01 -12.92
N ILE A 148 0.42 6.11 -14.09
CA ILE A 148 -0.33 5.02 -14.69
C ILE A 148 0.65 3.89 -15.09
N HIS A 149 1.95 4.20 -15.14
CA HIS A 149 2.97 3.19 -15.50
C HIS A 149 3.40 2.33 -14.28
N ASN A 150 2.91 2.65 -13.08
CA ASN A 150 3.15 1.78 -11.93
C ASN A 150 2.10 0.69 -12.02
N VAL A 151 2.49 -0.48 -12.52
CA VAL A 151 1.54 -1.57 -12.76
C VAL A 151 1.95 -2.88 -12.08
N SER A 152 0.96 -3.72 -11.82
CA SER A 152 1.19 -5.04 -11.23
C SER A 152 -0.03 -5.90 -11.51
N THR A 153 -0.07 -7.06 -10.86
CA THR A 153 -1.21 -7.97 -10.93
C THR A 153 -1.56 -8.37 -9.52
N ALA A 154 -2.76 -8.91 -9.33
CA ALA A 154 -3.18 -9.38 -8.02
C ALA A 154 -2.17 -10.44 -7.53
N ARG A 155 -1.76 -11.34 -8.43
CA ARG A 155 -0.79 -12.37 -8.05
C ARG A 155 0.53 -11.75 -7.57
N ASP A 156 1.06 -10.78 -8.32
CA ASP A 156 2.30 -10.11 -7.91
C ASP A 156 2.15 -9.35 -6.60
N LEU A 157 1.00 -8.70 -6.41
CA LEU A 157 0.77 -7.99 -5.16
C LEU A 157 0.70 -8.96 -3.95
N THR A 158 0.23 -10.17 -4.20
N THR A 158 0.24 -10.19 -4.15
CA THR A 158 0.22 -11.21 -3.19
CA THR A 158 0.25 -11.16 -3.01
C THR A 158 1.65 -11.49 -2.72
C THR A 158 1.69 -11.50 -2.67
N LYS A 159 2.58 -11.53 -3.67
CA LYS A 159 3.99 -11.77 -3.39
C LYS A 159 4.52 -10.60 -2.56
N LEU A 160 4.09 -9.38 -2.88
CA LEU A 160 4.53 -8.20 -2.14
C LEU A 160 4.06 -8.32 -0.69
N LEU A 161 2.81 -8.73 -0.50
CA LEU A 161 2.24 -8.93 0.85
C LEU A 161 2.96 -10.00 1.65
N ILE A 162 3.25 -11.13 1.01
CA ILE A 162 4.00 -12.22 1.66
C ILE A 162 5.34 -11.66 2.12
N ALA A 163 5.99 -10.89 1.25
CA ALA A 163 7.28 -10.29 1.58
C ALA A 163 7.19 -9.27 2.70
N SER A 164 6.04 -8.58 2.82
CA SER A 164 5.87 -7.54 3.87
C SER A 164 5.94 -8.07 5.31
N LYS A 165 5.70 -9.37 5.48
CA LYS A 165 5.85 -10.02 6.78
C LYS A 165 7.23 -9.81 7.36
N GLN A 166 8.22 -9.60 6.50
CA GLN A 166 9.59 -9.37 6.96
C GLN A 166 9.84 -7.93 7.43
N TYR A 167 8.83 -7.06 7.31
CA TYR A 167 8.94 -5.64 7.68
C TYR A 167 7.82 -5.28 8.68
N PRO A 168 8.01 -5.66 9.95
CA PRO A 168 6.98 -5.38 10.97
C PRO A 168 6.63 -3.89 11.09
N LEU A 169 7.60 -2.99 10.90
CA LEU A 169 7.32 -1.55 10.99
C LEU A 169 6.30 -1.12 9.93
N ILE A 170 6.41 -1.64 8.72
CA ILE A 170 5.45 -1.32 7.67
C ILE A 170 4.02 -1.63 8.13
N GLY A 171 3.82 -2.84 8.66
CA GLY A 171 2.52 -3.24 9.17
C GLY A 171 2.03 -2.35 10.30
N GLN A 172 2.91 -2.13 11.29
N GLN A 172 2.89 -2.11 11.28
CA GLN A 172 2.60 -1.25 12.42
CA GLN A 172 2.56 -1.29 12.44
C GLN A 172 2.09 0.08 11.93
C GLN A 172 2.15 0.14 12.01
N LEU A 173 2.93 0.76 11.14
CA LEU A 173 2.61 2.11 10.66
C LEU A 173 1.34 2.15 9.81
N SER A 174 1.17 1.16 8.92
CA SER A 174 0.03 1.15 8.02
C SER A 174 -1.33 1.00 8.71
N THR A 175 -1.32 0.43 9.91
CA THR A 175 -2.55 0.20 10.67
C THR A 175 -2.87 1.31 11.67
N THR A 176 -1.99 2.31 11.79
CA THR A 176 -2.23 3.41 12.72
C THR A 176 -3.54 4.10 12.34
N ARG A 177 -4.42 4.29 13.32
CA ARG A 177 -5.75 4.86 13.04
C ARG A 177 -5.68 6.32 12.63
N GLU A 178 -4.92 7.10 13.38
CA GLU A 178 -4.78 8.51 13.11
C GLU A 178 -3.64 9.05 13.90
N GLU A 179 -3.11 10.19 13.48
CA GLU A 179 -2.04 10.86 14.19
C GLU A 179 -1.91 12.31 13.75
N ALA A 181 0.59 15.07 12.79
CA ALA A 181 1.99 15.20 12.34
C ALA A 181 2.50 16.63 12.48
N THR A 182 3.59 16.80 13.22
CA THR A 182 4.20 18.12 13.42
C THR A 182 5.44 18.27 12.55
N PHE A 183 5.39 19.29 11.69
CA PHE A 183 6.48 19.63 10.79
C PHE A 183 7.28 20.82 11.34
N ALA A 184 8.47 21.00 10.80
CA ALA A 184 9.36 22.13 11.10
C ALA A 184 9.67 22.84 9.80
N ASN A 185 10.18 24.06 9.90
CA ASN A 185 10.54 24.88 8.72
C ASN A 185 9.40 25.12 7.69
N PRO A 186 8.29 25.75 8.08
CA PRO A 186 8.05 26.28 9.41
C PRO A 186 7.29 25.29 10.30
N ALA A 187 7.03 25.70 11.54
CA ALA A 187 6.29 24.90 12.49
C ALA A 187 4.81 24.88 12.16
N TYR A 188 4.28 23.68 11.93
CA TYR A 188 2.85 23.50 11.69
C TYR A 188 2.50 22.02 11.92
N THR A 189 1.25 21.78 12.28
CA THR A 189 0.78 20.45 12.58
C THR A 189 -0.39 20.12 11.68
N LEU A 190 -0.42 18.90 11.16
CA LEU A 190 -1.50 18.45 10.27
C LEU A 190 -2.17 17.20 10.82
N PRO A 191 -3.51 17.12 10.67
CA PRO A 191 -4.19 15.93 11.11
C PRO A 191 -4.22 14.90 9.99
N PHE A 192 -3.96 13.65 10.34
CA PHE A 192 -3.99 12.54 9.38
C PHE A 192 -4.76 11.36 9.94
N ARG A 193 -5.40 10.61 9.05
N ARG A 193 -5.44 10.63 9.06
CA ARG A 193 -6.22 9.47 9.45
CA ARG A 193 -6.21 9.47 9.45
C ARG A 193 -6.06 8.37 8.42
C ARG A 193 -5.88 8.34 8.48
N ASN A 194 -6.24 7.13 8.87
CA ASN A 194 -6.05 5.97 8.02
C ASN A 194 -7.09 6.00 6.90
N THR A 195 -6.68 5.58 5.71
CA THR A 195 -7.59 5.50 4.55
C THR A 195 -8.49 4.27 4.64
N ASN A 196 -8.14 3.33 5.51
CA ASN A 196 -8.90 2.11 5.70
C ASN A 196 -9.67 2.22 7.02
N HIS A 197 -10.98 2.47 6.93
CA HIS A 197 -11.85 2.57 8.12
C HIS A 197 -11.94 1.26 8.93
N LEU A 198 -11.53 0.12 8.36
CA LEU A 198 -11.57 -1.14 9.11
C LEU A 198 -10.63 -1.15 10.33
N VAL A 199 -9.68 -0.22 10.37
CA VAL A 199 -8.80 -0.11 11.55
C VAL A 199 -9.57 0.41 12.78
N TYR A 200 -10.75 1.00 12.54
CA TYR A 200 -11.61 1.48 13.62
C TYR A 200 -12.67 0.46 14.04
N ARG A 201 -12.70 -0.69 13.37
CA ARG A 201 -13.64 -1.78 13.65
C ARG A 201 -12.97 -2.94 14.37
N GLU A 202 -13.31 -3.11 15.65
CA GLU A 202 -12.75 -4.16 16.50
C GLU A 202 -12.96 -5.59 16.01
N ASN A 203 -13.94 -5.84 15.15
CA ASN A 203 -14.15 -7.19 14.62
C ASN A 203 -13.24 -7.48 13.40
N TRP A 204 -12.30 -6.58 13.13
CA TRP A 204 -11.27 -6.79 12.10
C TRP A 204 -9.94 -6.83 12.81
N ASN A 205 -9.13 -7.85 12.50
CA ASN A 205 -7.80 -8.06 13.07
C ASN A 205 -6.83 -7.89 11.92
N ILE A 206 -6.23 -6.71 11.83
CA ILE A 206 -5.40 -6.35 10.67
C ILE A 206 -3.94 -6.14 11.02
N GLN A 207 -3.05 -6.80 10.28
CA GLN A 207 -1.61 -6.66 10.50
C GLN A 207 -0.98 -5.65 9.52
N LEU A 208 -1.59 -5.49 8.35
CA LEU A 208 -1.10 -4.53 7.37
C LEU A 208 -2.22 -4.12 6.43
N THR A 209 -2.25 -2.83 6.09
CA THR A 209 -3.24 -2.33 5.17
C THR A 209 -2.72 -1.21 4.29
N LYS A 210 -3.15 -1.22 3.04
CA LYS A 210 -2.86 -0.14 2.12
C LYS A 210 -3.97 -0.08 1.07
N THR A 211 -4.48 1.12 0.84
CA THR A 211 -5.51 1.35 -0.15
C THR A 211 -4.91 2.15 -1.27
N GLY A 212 -5.66 2.23 -2.35
CA GLY A 212 -5.27 3.02 -3.48
C GLY A 212 -6.46 3.38 -4.31
N PHE A 213 -6.33 4.50 -5.00
CA PHE A 213 -7.32 4.95 -5.96
C PHE A 213 -6.77 5.93 -6.99
N THR A 214 -7.01 5.60 -8.24
CA THR A 214 -6.81 6.49 -9.38
C THR A 214 -7.88 5.98 -10.32
N ASN A 215 -8.36 6.82 -11.23
CA ASN A 215 -9.40 6.37 -12.16
C ASN A 215 -8.90 5.20 -13.01
N ALA A 216 -7.61 5.24 -13.35
CA ALA A 216 -6.97 4.18 -14.14
C ALA A 216 -6.87 2.87 -13.34
N ALA A 217 -6.57 2.98 -12.05
CA ALA A 217 -6.42 1.80 -11.18
C ALA A 217 -7.73 1.39 -10.50
N GLY A 218 -8.67 2.33 -10.39
CA GLY A 218 -9.91 2.11 -9.66
C GLY A 218 -9.57 2.10 -8.17
N HIS A 219 -10.51 1.63 -7.32
CA HIS A 219 -10.21 1.50 -5.90
C HIS A 219 -9.48 0.18 -5.68
N CYS A 220 -8.39 0.23 -4.91
CA CYS A 220 -7.56 -0.95 -4.63
C CYS A 220 -7.36 -1.10 -3.16
N LEU A 221 -7.24 -2.35 -2.71
CA LEU A 221 -7.04 -2.66 -1.30
C LEU A 221 -6.20 -3.89 -1.15
N VAL A 222 -5.20 -3.81 -0.28
CA VAL A 222 -4.37 -4.95 0.06
C VAL A 222 -4.30 -5.02 1.58
N ARG A 224 -3.10 -7.71 5.13
CA ARG A 224 -2.72 -8.92 5.84
C ARG A 224 -3.68 -8.89 7.02
N THR A 225 -4.47 -9.93 7.16
CA THR A 225 -5.47 -9.99 8.22
C THR A 225 -5.68 -11.43 8.71
N VAL A 226 -6.51 -11.59 9.74
CA VAL A 226 -6.76 -12.91 10.31
C VAL A 226 -8.26 -13.21 10.32
N PHE A 227 -8.64 -14.30 9.66
CA PHE A 227 -10.02 -14.75 9.61
C PHE A 227 -10.12 -16.05 10.38
N ASN A 228 -10.72 -16.01 11.58
CA ASN A 228 -10.89 -17.21 12.43
C ASN A 228 -9.60 -18.00 12.61
N GLY A 229 -8.58 -17.32 13.10
CA GLY A 229 -7.27 -17.94 13.32
C GLY A 229 -6.39 -18.14 12.10
N LYS A 230 -6.93 -17.89 10.91
CA LYS A 230 -6.17 -18.09 9.68
C LYS A 230 -5.62 -16.77 9.13
N PRO A 231 -4.29 -16.63 9.12
CA PRO A 231 -3.71 -15.42 8.56
C PRO A 231 -3.82 -15.44 7.04
N VAL A 232 -4.29 -14.34 6.46
CA VAL A 232 -4.42 -14.28 5.00
C VAL A 232 -3.88 -13.00 4.39
N ALA A 233 -3.55 -13.10 3.12
CA ALA A 233 -3.08 -11.96 2.33
C ALA A 233 -4.21 -11.70 1.37
N LEU A 234 -4.75 -10.49 1.41
CA LEU A 234 -5.90 -10.18 0.57
C LEU A 234 -5.60 -9.02 -0.37
N VAL A 235 -5.92 -9.20 -1.65
CA VAL A 235 -5.74 -8.16 -2.68
C VAL A 235 -7.02 -7.98 -3.47
N VAL A 236 -7.51 -6.74 -3.52
CA VAL A 236 -8.68 -6.40 -4.32
C VAL A 236 -8.30 -5.20 -5.18
N ASP A 238 -9.21 -2.62 -8.79
CA ASP A 238 -10.15 -2.04 -9.76
C ASP A 238 -11.62 -2.19 -9.36
N ALA A 239 -11.94 -1.63 -8.21
CA ALA A 239 -13.31 -1.56 -7.73
C ALA A 239 -13.89 -0.21 -8.11
N PHE A 240 -15.09 -0.20 -8.68
CA PHE A 240 -15.80 1.05 -9.00
C PHE A 240 -16.79 1.29 -7.85
N GLY A 241 -16.64 2.43 -7.16
CA GLY A 241 -17.47 2.76 -5.99
C GLY A 241 -16.54 2.72 -4.78
N LYS A 242 -16.52 3.79 -4.00
CA LYS A 242 -15.59 3.91 -2.85
C LYS A 242 -15.76 2.89 -1.70
N TYR A 243 -16.81 2.07 -1.74
CA TYR A 243 -16.99 1.01 -0.73
C TYR A 243 -17.06 -0.40 -1.33
N THR A 244 -16.92 -0.51 -2.64
CA THR A 244 -17.07 -1.79 -3.33
C THR A 244 -15.95 -2.79 -2.98
N HIS A 245 -14.73 -2.28 -2.84
CA HIS A 245 -13.59 -3.13 -2.48
C HIS A 245 -13.71 -3.62 -1.03
N PHE A 246 -14.20 -2.76 -0.15
CA PHE A 246 -14.45 -3.16 1.25
C PHE A 246 -15.59 -4.18 1.31
N ALA A 247 -16.61 -4.00 0.47
CA ALA A 247 -17.74 -4.94 0.41
C ALA A 247 -17.27 -6.31 -0.08
N ASP A 248 -16.43 -6.31 -1.11
CA ASP A 248 -15.85 -7.55 -1.62
C ASP A 248 -15.07 -8.28 -0.54
N ALA A 249 -14.23 -7.55 0.18
CA ALA A 249 -13.41 -8.10 1.25
C ALA A 249 -14.27 -8.74 2.34
N SER A 250 -15.37 -8.07 2.70
CA SER A 250 -16.32 -8.56 3.70
C SER A 250 -17.01 -9.84 3.24
N ARG A 251 -17.42 -9.86 1.98
CA ARG A 251 -18.08 -11.05 1.41
C ARG A 251 -17.13 -12.25 1.31
N LEU A 252 -15.89 -12.01 0.94
CA LEU A 252 -14.89 -13.08 0.87
C LEU A 252 -14.57 -13.58 2.27
N ARG A 253 -14.49 -12.68 3.24
CA ARG A 253 -14.24 -13.08 4.62
C ARG A 253 -15.29 -14.06 5.08
N THR A 254 -16.55 -13.70 4.88
CA THR A 254 -17.68 -14.56 5.27
C THR A 254 -17.56 -15.94 4.63
N TRP A 255 -17.25 -15.96 3.34
CA TRP A 255 -17.09 -17.23 2.63
C TRP A 255 -15.95 -18.08 3.21
N ILE A 256 -14.82 -17.44 3.46
CA ILE A 256 -13.68 -18.12 4.04
C ILE A 256 -14.02 -18.69 5.42
N GLU A 257 -14.67 -17.89 6.25
CA GLU A 257 -14.97 -18.27 7.63
C GLU A 257 -16.13 -19.23 7.81
N THR A 258 -17.09 -19.25 6.90
CA THR A 258 -18.29 -20.07 7.08
C THR A 258 -18.68 -20.91 5.90
N GLY A 259 -18.09 -20.66 4.74
CA GLY A 259 -18.43 -21.40 3.53
C GLY A 259 -19.62 -20.85 2.75
N LYS A 260 -20.35 -19.88 3.31
CA LYS A 260 -21.51 -19.33 2.62
C LYS A 260 -21.15 -18.29 1.54
N VAL A 261 -21.52 -18.60 0.30
CA VAL A 261 -21.30 -17.72 -0.84
C VAL A 261 -22.38 -16.65 -0.85
N GLN A 262 -21.97 -15.39 -1.00
CA GLN A 262 -22.91 -14.28 -1.05
C GLN A 262 -22.90 -13.62 -2.43
N PRO A 263 -24.09 -13.16 -2.90
CA PRO A 263 -24.17 -12.51 -4.21
C PRO A 263 -23.60 -11.09 -4.15
N VAL A 264 -23.26 -10.55 -5.33
CA VAL A 264 -22.71 -9.20 -5.44
C VAL A 264 -23.83 -8.19 -5.58
N PRO A 265 -24.04 -7.31 -4.56
CA PRO A 265 -25.13 -6.33 -4.64
C PRO A 265 -24.70 -5.03 -5.32
#